data_1SC4
#
_entry.id   1SC4
#
_cell.length_a   62.982
_cell.length_b   62.982
_cell.length_c   143.158
_cell.angle_alpha   90.00
_cell.angle_beta   90.00
_cell.angle_gamma   90.00
#
_symmetry.space_group_name_H-M   'P 43 21 2'
#
loop_
_entity.id
_entity.type
_entity.pdbx_description
1 polymer 'Interleukin-1 beta convertase'
2 polymer 'Interleukin-1 beta convertase'
3 water water
#
loop_
_entity_poly.entity_id
_entity_poly.type
_entity_poly.pdbx_seq_one_letter_code
_entity_poly.pdbx_strand_id
1 'polypeptide(L)'
;NPAMPTSSGSEGNVKLCSLEEAQRIWKQKSAEIYPIMDKSSRTRLALIICNEEFDSIPRRTGAEVDITGMTMLLQNLGYS
VDVKKNLTASDMTTELEAFAHRPEHKTSDSTFLVFMSHGIREGICGKKHSEQVPDILQLNAIFNMLNTKNCPSLKDKPKV
IIIQAARGDSPGVVWFKD
;
A
2 'polypeptide(L)'
;AIKKAHIEKDFIAFCSSTPDNVSWRHPTMGSVFIGRLIEHMQEYACSCDVEEIFRKVRFSFEQPDGRAQMPTTERVTLTR
CFYLFPGH
;
B
#
# COMPACT_ATOMS: atom_id res chain seq x y z
N ASN A 13 -17.97 3.87 -2.71
CA ASN A 13 -18.10 3.73 -1.24
C ASN A 13 -17.25 4.73 -0.45
N VAL A 14 -16.52 5.56 -1.18
CA VAL A 14 -15.65 6.59 -0.60
C VAL A 14 -16.40 7.90 -0.47
N LYS A 15 -16.37 8.49 0.72
CA LYS A 15 -16.86 9.85 0.95
C LYS A 15 -16.12 10.81 0.03
N LEU A 16 -16.87 11.57 -0.76
CA LEU A 16 -16.27 12.43 -1.79
C LEU A 16 -15.71 13.72 -1.20
N CYS A 17 -14.69 14.26 -1.85
CA CYS A 17 -14.14 15.56 -1.50
C CYS A 17 -14.89 16.62 -2.30
N SER A 18 -15.43 17.61 -1.58
CA SER A 18 -16.09 18.73 -2.23
C SER A 18 -15.05 19.67 -2.83
N LEU A 19 -15.46 20.43 -3.86
CA LEU A 19 -14.59 21.42 -4.47
C LEU A 19 -14.19 22.51 -3.48
N GLU A 20 -15.04 22.71 -2.47
CA GLU A 20 -14.76 23.64 -1.36
C GLU A 20 -13.66 23.09 -0.46
N GLU A 21 -13.79 21.83 -0.05
CA GLU A 21 -12.80 21.15 0.76
C GLU A 21 -11.45 21.08 0.04
N ALA A 22 -11.51 20.81 -1.27
CA ALA A 22 -10.32 20.74 -2.12
C ALA A 22 -9.54 22.06 -2.12
N GLN A 23 -10.24 23.17 -2.24
CA GLN A 23 -9.61 24.50 -2.21
C GLN A 23 -9.16 24.86 -0.81
N ARG A 24 -9.91 24.41 0.20
CA ARG A 24 -9.58 24.63 1.60
C ARG A 24 -8.29 23.89 1.97
N ILE A 25 -8.09 22.71 1.39
CA ILE A 25 -6.86 21.92 1.58
C ILE A 25 -5.69 22.62 0.88
N TRP A 26 -5.93 23.14 -0.31
CA TRP A 26 -4.92 23.84 -1.10
C TRP A 26 -4.50 25.18 -0.51
N LYS A 27 -5.40 25.80 0.26
CA LYS A 27 -5.13 27.08 0.90
C LYS A 27 -4.30 26.93 2.18
N GLN A 28 -4.46 25.79 2.85
CA GLN A 28 -3.75 25.52 4.11
C GLN A 28 -2.26 25.22 3.89
N LYS A 29 -1.94 24.64 2.73
CA LYS A 29 -0.57 24.36 2.33
C LYS A 29 -0.37 24.75 0.87
N SER A 30 0.59 25.64 0.63
CA SER A 30 0.82 26.23 -0.69
C SER A 30 1.28 25.20 -1.74
N ALA A 31 2.59 24.98 -1.81
CA ALA A 31 3.15 24.02 -2.76
C ALA A 31 3.56 22.71 -2.06
N GLU A 32 2.80 22.34 -1.03
CA GLU A 32 3.14 21.18 -0.20
C GLU A 32 2.23 19.97 -0.44
N ILE A 33 1.51 19.98 -1.55
CA ILE A 33 0.61 18.87 -1.91
C ILE A 33 0.96 18.32 -3.31
N TYR A 34 0.96 17.00 -3.43
CA TYR A 34 1.19 16.35 -4.71
C TYR A 34 0.11 16.74 -5.73
N PRO A 35 0.53 17.16 -6.92
CA PRO A 35 -0.42 17.57 -7.97
C PRO A 35 -1.20 16.38 -8.53
N ILE A 36 -2.48 16.56 -8.76
CA ILE A 36 -3.29 15.51 -9.38
C ILE A 36 -3.56 15.84 -10.84
N MET A 37 -3.66 14.79 -11.67
CA MET A 37 -3.86 14.96 -13.10
C MET A 37 -5.34 14.99 -13.45
N ASP A 38 -5.62 15.52 -14.64
CA ASP A 38 -6.97 15.59 -15.19
C ASP A 38 -7.69 14.24 -15.14
N LYS A 39 -8.87 14.23 -14.54
CA LYS A 39 -9.67 13.01 -14.39
C LYS A 39 -9.97 12.29 -15.71
N SER A 40 -10.23 13.09 -16.75
CA SER A 40 -10.65 12.55 -18.06
C SER A 40 -9.51 11.94 -18.87
N SER A 41 -8.27 12.33 -18.59
CA SER A 41 -7.12 11.88 -19.36
C SER A 41 -6.13 10.97 -18.61
N ARG A 42 -6.14 11.01 -17.28
CA ARG A 42 -5.17 10.25 -16.48
C ARG A 42 -5.43 8.74 -16.49
N THR A 43 -4.34 7.98 -16.40
CA THR A 43 -4.40 6.52 -16.42
C THR A 43 -3.74 5.94 -15.17
N ARG A 44 -4.44 6.07 -14.04
CA ARG A 44 -3.95 5.58 -12.75
C ARG A 44 -3.94 4.07 -12.66
N LEU A 45 -2.84 3.53 -12.15
CA LEU A 45 -2.63 2.09 -12.05
C LEU A 45 -2.33 1.65 -10.61
N ALA A 46 -2.91 0.52 -10.23
CA ALA A 46 -2.63 -0.11 -8.95
C ALA A 46 -2.42 -1.61 -9.15
N LEU A 47 -1.56 -2.21 -8.32
CA LEU A 47 -1.32 -3.65 -8.38
C LEU A 47 -1.52 -4.32 -7.03
N ILE A 48 -2.36 -5.35 -7.03
CA ILE A 48 -2.53 -6.20 -5.86
C ILE A 48 -1.93 -7.57 -6.12
N ILE A 49 -1.01 -8.00 -5.25
CA ILE A 49 -0.49 -9.34 -5.25
C ILE A 49 -0.92 -10.03 -3.96
N CYS A 50 -1.76 -11.05 -4.10
CA CYS A 50 -2.25 -11.78 -2.95
C CYS A 50 -1.89 -13.25 -3.02
N ASN A 51 -1.17 -13.72 -2.01
CA ASN A 51 -0.86 -15.14 -1.89
C ASN A 51 -1.80 -15.79 -0.86
N GLU A 52 -2.66 -16.68 -1.35
CA GLU A 52 -3.67 -17.35 -0.53
C GLU A 52 -3.31 -18.81 -0.27
N GLU A 53 -2.85 -19.50 -1.31
CA GLU A 53 -2.53 -20.93 -1.25
C GLU A 53 -1.03 -21.17 -1.34
N PHE A 54 -0.48 -21.85 -0.33
CA PHE A 54 0.96 -22.04 -0.19
C PHE A 54 1.33 -23.52 -0.21
N ASP A 55 2.60 -23.78 -0.55
CA ASP A 55 3.16 -25.12 -0.54
C ASP A 55 3.30 -25.69 0.87
N SER A 56 3.72 -24.84 1.81
CA SER A 56 4.11 -25.29 3.15
C SER A 56 3.54 -24.46 4.30
N ILE A 57 2.76 -23.43 3.96
CA ILE A 57 2.13 -22.55 4.95
C ILE A 57 0.62 -22.69 4.82
N PRO A 58 -0.13 -22.58 5.93
CA PRO A 58 -1.60 -22.72 5.90
C PRO A 58 -2.30 -21.73 4.96
N ARG A 59 -3.46 -22.12 4.46
CA ARG A 59 -4.25 -21.29 3.54
C ARG A 59 -4.74 -20.03 4.22
N ARG A 60 -4.55 -18.90 3.53
CA ARG A 60 -5.01 -17.61 4.03
C ARG A 60 -6.49 -17.41 3.67
N THR A 61 -7.36 -17.76 4.61
CA THR A 61 -8.79 -17.56 4.45
C THR A 61 -9.12 -16.07 4.60
N GLY A 62 -10.19 -15.65 3.94
CA GLY A 62 -10.58 -14.25 3.95
C GLY A 62 -9.84 -13.44 2.89
N ALA A 63 -8.99 -14.12 2.11
CA ALA A 63 -8.24 -13.50 1.03
C ALA A 63 -9.16 -12.94 -0.06
N GLU A 64 -10.18 -13.71 -0.43
CA GLU A 64 -11.14 -13.30 -1.46
C GLU A 64 -11.91 -12.05 -1.06
N VAL A 65 -12.32 -11.99 0.20
CA VAL A 65 -12.96 -10.80 0.77
C VAL A 65 -12.00 -9.61 0.77
N ASP A 66 -10.72 -9.87 1.06
CA ASP A 66 -9.68 -8.84 1.08
C ASP A 66 -9.36 -8.29 -0.31
N ILE A 67 -9.21 -9.19 -1.29
CA ILE A 67 -9.00 -8.81 -2.68
C ILE A 67 -10.16 -7.94 -3.16
N THR A 68 -11.39 -8.44 -2.97
CA THR A 68 -12.62 -7.75 -3.37
C THR A 68 -12.67 -6.32 -2.80
N GLY A 69 -12.47 -6.20 -1.49
CA GLY A 69 -12.55 -4.92 -0.81
C GLY A 69 -11.52 -3.91 -1.31
N MET A 70 -10.25 -4.33 -1.34
CA MET A 70 -9.17 -3.48 -1.81
C MET A 70 -9.35 -3.06 -3.27
N THR A 71 -9.79 -4.01 -4.11
CA THR A 71 -10.03 -3.75 -5.52
C THR A 71 -11.10 -2.67 -5.71
N MET A 72 -12.23 -2.83 -5.01
CA MET A 72 -13.35 -1.89 -5.10
C MET A 72 -12.96 -0.51 -4.59
N LEU A 73 -12.15 -0.47 -3.53
CA LEU A 73 -11.69 0.80 -2.96
C LEU A 73 -10.78 1.55 -3.93
N LEU A 74 -9.76 0.87 -4.44
CA LEU A 74 -8.77 1.48 -5.33
C LEU A 74 -9.39 1.96 -6.64
N GLN A 75 -10.37 1.21 -7.14
CA GLN A 75 -11.13 1.61 -8.32
C GLN A 75 -11.92 2.89 -8.03
N ASN A 76 -12.61 2.91 -6.90
CA ASN A 76 -13.37 4.09 -6.48
C ASN A 76 -12.49 5.30 -6.18
N LEU A 77 -11.19 5.06 -5.99
CA LEU A 77 -10.21 6.14 -5.82
C LEU A 77 -9.58 6.56 -7.16
N GLY A 78 -10.00 5.89 -8.24
CA GLY A 78 -9.61 6.26 -9.59
C GLY A 78 -8.57 5.38 -10.26
N TYR A 79 -8.26 4.23 -9.66
CA TYR A 79 -7.20 3.37 -10.16
C TYR A 79 -7.71 2.16 -10.96
N SER A 80 -6.96 1.80 -12.00
CA SER A 80 -7.14 0.53 -12.68
C SER A 80 -6.37 -0.51 -11.89
N VAL A 81 -7.03 -1.59 -11.52
CA VAL A 81 -6.46 -2.57 -10.60
C VAL A 81 -6.10 -3.89 -11.27
N ASP A 82 -4.82 -4.23 -11.18
CA ASP A 82 -4.31 -5.53 -11.61
C ASP A 82 -4.24 -6.46 -10.40
N VAL A 83 -4.77 -7.67 -10.56
CA VAL A 83 -4.77 -8.65 -9.47
C VAL A 83 -3.97 -9.89 -9.86
N LYS A 84 -2.95 -10.19 -9.08
CA LYS A 84 -2.11 -11.38 -9.28
C LYS A 84 -2.16 -12.27 -8.04
N LYS A 85 -2.23 -13.58 -8.26
CA LYS A 85 -2.46 -14.52 -7.16
C LYS A 85 -1.48 -15.68 -7.12
N ASN A 86 -1.12 -16.08 -5.89
CA ASN A 86 -0.29 -17.25 -5.61
C ASN A 86 1.01 -17.30 -6.42
N LEU A 87 1.87 -16.32 -6.17
CA LEU A 87 3.14 -16.19 -6.89
C LEU A 87 4.34 -16.53 -6.01
N THR A 88 5.38 -17.05 -6.64
CA THR A 88 6.67 -17.21 -5.99
C THR A 88 7.36 -15.84 -5.95
N ALA A 89 8.43 -15.73 -5.17
CA ALA A 89 9.21 -14.50 -5.09
C ALA A 89 9.77 -14.08 -6.45
N SER A 90 10.11 -15.09 -7.27
CA SER A 90 10.59 -14.87 -8.62
C SER A 90 9.48 -14.29 -9.51
N ASP A 91 8.28 -14.84 -9.38
CA ASP A 91 7.11 -14.36 -10.13
C ASP A 91 6.74 -12.93 -9.76
N MET A 92 6.77 -12.64 -8.45
CA MET A 92 6.50 -11.29 -7.93
C MET A 92 7.48 -10.26 -8.49
N THR A 93 8.76 -10.65 -8.54
CA THR A 93 9.83 -9.83 -9.10
C THR A 93 9.55 -9.47 -10.56
N THR A 94 9.26 -10.50 -11.36
CA THR A 94 8.90 -10.33 -12.77
C THR A 94 7.68 -9.43 -12.93
N GLU A 95 6.66 -9.66 -12.10
CA GLU A 95 5.43 -8.89 -12.14
C GLU A 95 5.64 -7.41 -11.78
N LEU A 96 6.49 -7.17 -10.80
CA LEU A 96 6.83 -5.82 -10.34
C LEU A 96 7.66 -5.04 -11.35
N GLU A 97 8.62 -5.71 -11.99
CA GLU A 97 9.45 -5.10 -13.02
C GLU A 97 8.62 -4.69 -14.23
N ALA A 98 7.66 -5.53 -14.60
CA ALA A 98 6.70 -5.22 -15.65
C ALA A 98 5.82 -4.03 -15.25
N PHE A 99 5.34 -4.03 -14.01
CA PHE A 99 4.47 -2.97 -13.51
C PHE A 99 5.16 -1.60 -13.51
N ALA A 100 6.44 -1.58 -13.17
CA ALA A 100 7.25 -0.38 -13.20
C ALA A 100 7.39 0.19 -14.62
N HIS A 101 7.34 -0.71 -15.61
CA HIS A 101 7.56 -0.34 -17.01
C HIS A 101 6.26 -0.07 -17.78
N ARG A 102 5.13 -0.06 -17.07
CA ARG A 102 3.82 0.16 -17.69
C ARG A 102 3.70 1.60 -18.24
N PRO A 103 3.31 1.71 -19.51
CA PRO A 103 3.16 3.03 -20.16
C PRO A 103 2.18 3.98 -19.48
N GLU A 104 1.21 3.44 -18.72
CA GLU A 104 0.18 4.25 -18.07
C GLU A 104 0.72 5.17 -16.96
N HIS A 105 1.87 4.83 -16.40
CA HIS A 105 2.48 5.61 -15.33
C HIS A 105 2.85 7.02 -15.79
N LYS A 106 3.28 7.15 -17.04
CA LYS A 106 3.63 8.44 -17.64
C LYS A 106 2.47 9.44 -17.57
N THR A 107 1.25 8.93 -17.73
CA THR A 107 0.04 9.75 -17.66
C THR A 107 -0.72 9.52 -16.35
N SER A 108 -0.01 9.11 -15.31
CA SER A 108 -0.57 8.94 -13.98
C SER A 108 0.11 9.89 -12.99
N ASP A 109 -0.54 10.14 -11.86
CA ASP A 109 -0.03 11.06 -10.86
C ASP A 109 0.43 10.36 -9.57
N SER A 110 0.27 9.05 -9.53
CA SER A 110 0.49 8.24 -8.33
C SER A 110 0.25 6.76 -8.60
N THR A 111 0.64 5.92 -7.66
CA THR A 111 0.34 4.49 -7.70
C THR A 111 0.14 3.88 -6.31
N PHE A 112 -0.54 2.74 -6.28
CA PHE A 112 -0.65 1.92 -5.08
C PHE A 112 -0.14 0.52 -5.37
N LEU A 113 0.62 -0.03 -4.43
CA LEU A 113 1.02 -1.43 -4.46
C LEU A 113 0.54 -2.10 -3.19
N VAL A 114 -0.21 -3.20 -3.34
CA VAL A 114 -0.74 -3.92 -2.19
C VAL A 114 -0.22 -5.35 -2.18
N PHE A 115 0.43 -5.73 -1.09
CA PHE A 115 0.92 -7.09 -0.89
C PHE A 115 0.15 -7.74 0.25
N MET A 116 -0.40 -8.91 -0.02
CA MET A 116 -1.13 -9.68 0.99
C MET A 116 -0.62 -11.12 0.97
N SER A 117 0.06 -11.51 2.04
CA SER A 117 0.72 -12.81 2.11
C SER A 117 1.18 -13.11 3.53
N HIS A 118 1.96 -14.18 3.68
CA HIS A 118 2.70 -14.42 4.90
C HIS A 118 4.02 -13.67 4.80
N GLY A 119 4.67 -13.45 5.94
CA GLY A 119 5.93 -12.72 5.94
C GLY A 119 6.96 -13.23 6.91
N ILE A 120 8.20 -12.79 6.69
CA ILE A 120 9.28 -12.94 7.66
C ILE A 120 9.80 -11.53 7.96
N ARG A 121 10.77 -11.41 8.85
CA ARG A 121 11.35 -10.12 9.21
C ARG A 121 11.86 -9.37 7.97
N GLU A 122 12.56 -10.08 7.09
CA GLU A 122 13.17 -9.49 5.90
C GLU A 122 12.16 -9.08 4.80
N GLY A 123 11.16 -9.93 4.56
CA GLY A 123 10.22 -9.67 3.49
C GLY A 123 8.96 -10.52 3.41
N ILE A 124 8.45 -10.67 2.19
CA ILE A 124 7.14 -11.27 1.93
C ILE A 124 7.28 -12.68 1.36
N CYS A 125 6.48 -13.60 1.88
CA CYS A 125 6.55 -15.01 1.49
C CYS A 125 5.91 -15.26 0.13
N GLY A 126 6.65 -15.93 -0.75
CA GLY A 126 6.11 -16.46 -1.98
C GLY A 126 5.40 -17.78 -1.73
N LYS A 127 4.70 -18.29 -2.75
CA LYS A 127 3.88 -19.48 -2.61
C LYS A 127 4.64 -20.75 -2.22
N LYS A 128 5.94 -20.78 -2.50
CA LYS A 128 6.75 -21.98 -2.31
C LYS A 128 7.60 -21.94 -1.03
N HIS A 129 7.32 -20.97 -0.16
CA HIS A 129 8.19 -20.73 1.00
C HIS A 129 8.14 -21.83 2.05
N SER A 130 9.32 -22.20 2.52
CA SER A 130 9.51 -23.11 3.64
C SER A 130 10.78 -22.71 4.39
N GLU A 131 10.91 -23.16 5.64
CA GLU A 131 12.10 -22.89 6.44
C GLU A 131 13.35 -23.53 5.83
N GLN A 132 13.18 -24.71 5.23
CA GLN A 132 14.26 -25.43 4.58
C GLN A 132 14.68 -24.78 3.25
N VAL A 133 13.70 -24.33 2.47
CA VAL A 133 13.95 -23.69 1.18
C VAL A 133 13.19 -22.35 1.07
N PRO A 134 13.89 -21.25 1.33
CA PRO A 134 13.26 -19.91 1.33
C PRO A 134 12.73 -19.44 -0.03
N ASP A 135 11.56 -18.82 0.00
CA ASP A 135 10.96 -18.17 -1.16
C ASP A 135 10.47 -16.80 -0.71
N ILE A 136 11.38 -15.83 -0.74
CA ILE A 136 11.15 -14.52 -0.11
C ILE A 136 11.40 -13.36 -1.07
N LEU A 137 10.43 -12.47 -1.16
CA LEU A 137 10.64 -11.17 -1.79
C LEU A 137 11.03 -10.18 -0.70
N GLN A 138 12.23 -9.61 -0.84
CA GLN A 138 12.74 -8.62 0.12
C GLN A 138 12.01 -7.30 -0.06
N LEU A 139 11.77 -6.60 1.05
CA LEU A 139 11.16 -5.27 1.03
C LEU A 139 12.02 -4.31 0.21
N ASN A 140 13.34 -4.41 0.37
CA ASN A 140 14.31 -3.65 -0.41
C ASN A 140 14.06 -3.72 -1.92
N ALA A 141 13.70 -4.91 -2.40
CA ALA A 141 13.49 -5.16 -3.82
C ALA A 141 12.30 -4.40 -4.40
N ILE A 142 11.24 -4.26 -3.61
CA ILE A 142 10.05 -3.53 -4.02
C ILE A 142 10.38 -2.06 -4.29
N PHE A 143 11.09 -1.45 -3.34
CA PHE A 143 11.49 -0.05 -3.47
C PHE A 143 12.49 0.15 -4.62
N ASN A 144 13.42 -0.79 -4.77
CA ASN A 144 14.40 -0.76 -5.85
C ASN A 144 13.77 -0.78 -7.24
N MET A 145 12.84 -1.72 -7.45
CA MET A 145 12.16 -1.88 -8.73
C MET A 145 11.22 -0.71 -9.05
N LEU A 146 10.80 0.03 -8.03
CA LEU A 146 9.91 1.16 -8.21
C LEU A 146 10.61 2.51 -8.03
N ASN A 147 11.92 2.51 -7.79
CA ASN A 147 12.65 3.76 -7.55
C ASN A 147 12.86 4.61 -8.81
N THR A 148 13.59 5.72 -8.69
CA THR A 148 13.73 6.68 -9.78
C THR A 148 14.50 6.13 -10.99
N LYS A 149 15.49 5.28 -10.74
CA LYS A 149 16.27 4.67 -11.81
C LYS A 149 15.44 3.67 -12.61
N ASN A 150 14.85 2.70 -11.92
CA ASN A 150 14.11 1.63 -12.56
C ASN A 150 12.71 2.02 -13.00
N CYS A 151 12.13 2.99 -12.31
CA CYS A 151 10.80 3.49 -12.67
C CYS A 151 10.76 5.03 -12.74
N PRO A 152 11.39 5.60 -13.76
CA PRO A 152 11.43 7.07 -13.92
C PRO A 152 10.06 7.69 -14.22
N SER A 153 9.11 6.89 -14.69
CA SER A 153 7.75 7.36 -14.97
C SER A 153 7.01 7.81 -13.70
N LEU A 154 7.40 7.26 -12.56
CA LEU A 154 6.79 7.60 -11.28
C LEU A 154 7.69 8.52 -10.43
N LYS A 155 8.70 9.10 -11.08
CA LYS A 155 9.55 10.10 -10.42
C LYS A 155 8.70 11.28 -9.98
N ASP A 156 8.96 11.75 -8.76
CA ASP A 156 8.24 12.87 -8.12
C ASP A 156 6.75 12.59 -7.87
N LYS A 157 6.35 11.33 -7.99
CA LYS A 157 4.97 10.91 -7.77
C LYS A 157 4.86 9.96 -6.57
N PRO A 158 3.83 10.14 -5.75
CA PRO A 158 3.65 9.33 -4.54
C PRO A 158 3.41 7.86 -4.86
N LYS A 159 4.15 7.01 -4.16
CA LYS A 159 4.06 5.57 -4.32
C LYS A 159 3.71 4.95 -2.97
N VAL A 160 2.47 4.50 -2.84
CA VAL A 160 1.95 3.95 -1.59
C VAL A 160 2.06 2.44 -1.64
N ILE A 161 2.77 1.89 -0.67
CA ILE A 161 2.95 0.44 -0.58
C ILE A 161 2.30 -0.08 0.68
N ILE A 162 1.29 -0.93 0.50
CA ILE A 162 0.61 -1.56 1.63
C ILE A 162 0.98 -3.03 1.70
N ILE A 163 1.64 -3.40 2.79
CA ILE A 163 2.12 -4.76 2.98
C ILE A 163 1.44 -5.42 4.17
N GLN A 164 0.62 -6.43 3.87
CA GLN A 164 0.10 -7.32 4.89
C GLN A 164 0.85 -8.65 4.77
N ALA A 165 1.91 -8.77 5.58
CA ALA A 165 2.74 -9.96 5.59
C ALA A 165 2.72 -10.58 6.98
N ALA A 166 1.77 -11.51 7.17
CA ALA A 166 1.51 -12.15 8.46
C ALA A 166 2.69 -12.94 9.01
N ARG A 167 3.03 -12.63 10.26
CA ARG A 167 4.17 -13.21 10.95
C ARG A 167 3.74 -13.74 12.32
N GLY A 168 4.30 -14.87 12.74
CA GLY A 168 4.19 -15.31 14.11
C GLY A 168 5.08 -14.45 14.99
N ASP A 169 6.06 -13.83 14.34
CA ASP A 169 7.03 -12.93 14.95
C ASP A 169 6.44 -11.56 15.33
N SER A 170 5.20 -11.33 14.94
CA SER A 170 4.54 -10.03 15.11
C SER A 170 4.41 -9.61 16.57
N PRO A 171 4.64 -8.32 16.84
CA PRO A 171 4.25 -7.72 18.12
C PRO A 171 2.73 -7.73 18.24
N GLY A 172 2.17 -8.09 19.39
CA GLY A 172 2.94 -8.34 20.61
C GLY A 172 2.38 -7.48 21.72
N VAL A 173 2.16 -8.09 22.89
CA VAL A 173 1.64 -7.37 24.04
C VAL A 173 2.46 -7.59 25.31
N VAL A 174 2.29 -6.67 26.26
CA VAL A 174 2.80 -6.84 27.61
C VAL A 174 1.62 -6.70 28.57
N TRP A 175 1.57 -7.58 29.57
CA TRP A 175 0.50 -7.58 30.57
C TRP A 175 0.87 -6.70 31.77
N PHE A 176 -0.11 -5.97 32.28
CA PHE A 176 0.08 -5.11 33.44
C PHE A 176 -1.13 -5.12 34.36
N LYS A 177 -0.93 -4.69 35.61
CA LYS A 177 -2.02 -4.46 36.55
C LYS A 177 -2.16 -2.97 36.88
N ASP A 178 -3.40 -2.53 37.14
CA ASP A 178 -3.68 -1.13 37.44
C ASP A 178 -3.16 -0.70 38.82
N ALA B 1 23.27 18.78 -20.48
CA ALA B 1 24.07 18.43 -19.27
C ALA B 1 23.25 17.57 -18.30
N ILE B 2 23.90 16.54 -17.76
CA ILE B 2 23.25 15.61 -16.83
C ILE B 2 22.85 16.26 -15.51
N LYS B 3 21.70 15.84 -14.99
CA LYS B 3 21.16 16.38 -13.74
C LYS B 3 20.96 15.28 -12.70
N LYS B 4 21.17 15.64 -11.43
CA LYS B 4 21.00 14.73 -10.31
C LYS B 4 19.54 14.62 -9.89
N ALA B 5 19.11 13.40 -9.60
CA ALA B 5 17.80 13.16 -8.99
C ALA B 5 17.95 12.12 -7.89
N HIS B 6 17.21 12.31 -6.80
CA HIS B 6 17.19 11.34 -5.70
C HIS B 6 16.83 9.95 -6.23
N ILE B 7 17.64 8.95 -5.86
CA ILE B 7 17.38 7.58 -6.28
C ILE B 7 16.04 7.05 -5.71
N GLU B 8 15.79 7.36 -4.44
CA GLU B 8 14.58 6.93 -3.76
C GLU B 8 13.87 8.12 -3.13
N LYS B 9 12.67 8.42 -3.64
CA LYS B 9 11.89 9.54 -3.16
C LYS B 9 10.40 9.27 -3.36
N ASP B 10 9.58 9.94 -2.55
CA ASP B 10 8.12 9.90 -2.65
C ASP B 10 7.51 8.50 -2.45
N PHE B 11 8.05 7.76 -1.49
CA PHE B 11 7.50 6.48 -1.08
C PHE B 11 6.85 6.62 0.29
N ILE B 12 5.82 5.81 0.52
CA ILE B 12 5.32 5.56 1.85
C ILE B 12 4.84 4.12 1.97
N ALA B 13 5.26 3.44 3.03
CA ALA B 13 4.84 2.06 3.28
C ALA B 13 3.99 1.96 4.54
N PHE B 14 2.94 1.12 4.48
CA PHE B 14 2.07 0.84 5.61
C PHE B 14 2.08 -0.67 5.83
N CYS B 15 2.58 -1.11 6.98
CA CYS B 15 2.92 -2.52 7.19
C CYS B 15 2.19 -3.20 8.34
N SER B 16 1.47 -4.27 8.02
CA SER B 16 0.83 -5.12 9.02
C SER B 16 1.49 -6.50 9.03
N SER B 17 1.86 -6.97 10.22
CA SER B 17 2.47 -8.28 10.37
C SER B 17 1.61 -9.26 11.18
N THR B 18 0.38 -8.86 11.49
CA THR B 18 -0.51 -9.60 12.37
C THR B 18 -0.98 -10.94 11.78
N PRO B 19 -0.87 -12.03 12.56
CA PRO B 19 -1.34 -13.37 12.15
C PRO B 19 -2.78 -13.40 11.62
N ASP B 20 -3.08 -14.39 10.79
CA ASP B 20 -4.30 -14.40 9.98
C ASP B 20 -5.07 -15.74 9.99
N ASN B 21 -5.77 -16.06 11.08
CA ASN B 21 -5.85 -15.24 12.29
C ASN B 21 -5.62 -16.10 13.53
N GLY B 30 -13.28 -11.07 6.07
CA GLY B 30 -11.95 -10.63 5.68
C GLY B 30 -11.02 -10.49 6.87
N SER B 31 -9.80 -10.02 6.62
CA SER B 31 -8.84 -9.78 7.71
C SER B 31 -9.14 -8.45 8.40
N VAL B 32 -8.83 -8.40 9.69
CA VAL B 32 -9.09 -7.23 10.52
C VAL B 32 -8.37 -5.97 10.01
N PHE B 33 -7.09 -6.12 9.65
CA PHE B 33 -6.31 -4.98 9.17
C PHE B 33 -6.88 -4.36 7.90
N ILE B 34 -7.08 -5.20 6.89
CA ILE B 34 -7.57 -4.76 5.58
C ILE B 34 -8.94 -4.07 5.68
N GLY B 35 -9.86 -4.71 6.40
CA GLY B 35 -11.18 -4.14 6.66
C GLY B 35 -11.13 -2.78 7.30
N ARG B 36 -10.34 -2.66 8.37
CA ARG B 36 -10.14 -1.40 9.07
C ARG B 36 -9.50 -0.31 8.20
N LEU B 37 -8.58 -0.72 7.32
CA LEU B 37 -7.93 0.19 6.40
C LEU B 37 -8.91 0.71 5.34
N ILE B 38 -9.75 -0.19 4.82
CA ILE B 38 -10.76 0.19 3.83
C ILE B 38 -11.73 1.20 4.45
N GLU B 39 -12.18 0.93 5.67
CA GLU B 39 -13.11 1.80 6.39
C GLU B 39 -12.56 3.21 6.56
N HIS B 40 -11.31 3.32 6.97
CA HIS B 40 -10.68 4.62 7.21
C HIS B 40 -10.38 5.36 5.90
N MET B 41 -10.07 4.62 4.86
CA MET B 41 -9.87 5.19 3.52
C MET B 41 -11.20 5.72 2.96
N GLN B 42 -12.28 4.96 3.13
CA GLN B 42 -13.60 5.37 2.69
C GLN B 42 -14.04 6.67 3.40
N GLU B 43 -13.76 6.75 4.69
CA GLU B 43 -14.19 7.86 5.54
C GLU B 43 -13.32 9.12 5.45
N TYR B 44 -12.01 8.95 5.30
CA TYR B 44 -11.09 10.08 5.46
C TYR B 44 -10.27 10.49 4.23
N ALA B 45 -10.45 9.80 3.10
CA ALA B 45 -9.76 10.16 1.86
C ALA B 45 -10.09 11.59 1.43
N CYS B 46 -11.32 12.01 1.71
CA CYS B 46 -11.80 13.34 1.35
C CYS B 46 -11.08 14.45 2.10
N SER B 47 -10.71 14.18 3.35
CA SER B 47 -10.24 15.24 4.25
C SER B 47 -8.82 15.09 4.80
N CYS B 48 -8.23 13.91 4.63
CA CYS B 48 -6.92 13.62 5.21
C CYS B 48 -5.94 13.08 4.18
N ASP B 49 -4.68 13.52 4.25
CA ASP B 49 -3.61 12.95 3.42
C ASP B 49 -3.32 11.51 3.88
N VAL B 50 -2.71 10.70 3.01
CA VAL B 50 -2.59 9.26 3.27
C VAL B 50 -1.89 8.90 4.58
N GLU B 51 -0.83 9.64 4.92
CA GLU B 51 -0.08 9.45 6.15
C GLU B 51 -0.97 9.61 7.40
N GLU B 52 -1.85 10.62 7.37
CA GLU B 52 -2.80 10.85 8.46
C GLU B 52 -3.84 9.73 8.56
N ILE B 53 -4.29 9.22 7.42
CA ILE B 53 -5.22 8.09 7.41
C ILE B 53 -4.58 6.87 8.06
N PHE B 54 -3.29 6.66 7.80
CA PHE B 54 -2.53 5.57 8.41
C PHE B 54 -2.45 5.74 9.94
N ARG B 55 -2.23 6.97 10.40
CA ARG B 55 -2.22 7.27 11.83
C ARG B 55 -3.58 6.99 12.48
N LYS B 56 -4.65 7.40 11.81
CA LYS B 56 -6.02 7.19 12.28
C LYS B 56 -6.35 5.70 12.40
N VAL B 57 -5.88 4.90 11.45
CA VAL B 57 -6.01 3.44 11.52
C VAL B 57 -5.36 2.93 12.82
N ARG B 58 -4.16 3.42 13.12
CA ARG B 58 -3.44 3.04 14.33
C ARG B 58 -4.22 3.44 15.59
N PHE B 59 -4.76 4.65 15.59
CA PHE B 59 -5.58 5.15 16.69
C PHE B 59 -6.76 4.23 16.98
N SER B 60 -7.43 3.75 15.93
CA SER B 60 -8.56 2.83 16.05
C SER B 60 -8.16 1.49 16.67
N PHE B 61 -6.87 1.16 16.59
CA PHE B 61 -6.31 -0.08 17.11
C PHE B 61 -5.66 0.11 18.48
N GLU B 62 -5.75 1.32 19.02
CA GLU B 62 -5.06 1.69 20.27
C GLU B 62 -5.35 0.73 21.44
N GLN B 63 -6.61 0.34 21.58
CA GLN B 63 -7.01 -0.62 22.62
C GLN B 63 -6.90 -2.04 22.06
N PRO B 64 -6.00 -2.85 22.63
CA PRO B 64 -5.77 -4.22 22.14
C PRO B 64 -6.94 -5.16 22.50
N ASP B 65 -7.91 -5.25 21.60
CA ASP B 65 -9.01 -6.19 21.73
C ASP B 65 -8.77 -7.38 20.79
N GLY B 66 -8.81 -8.59 21.33
CA GLY B 66 -8.48 -9.79 20.58
C GLY B 66 -6.98 -9.86 20.34
N ARG B 67 -6.59 -9.99 19.07
CA ARG B 67 -5.17 -9.97 18.70
C ARG B 67 -4.74 -8.52 18.41
N ALA B 68 -3.69 -8.08 19.10
CA ALA B 68 -3.20 -6.71 19.02
C ALA B 68 -2.68 -6.35 17.63
N GLN B 69 -3.13 -5.21 17.13
CA GLN B 69 -2.71 -4.71 15.84
C GLN B 69 -2.15 -3.31 15.98
N MET B 70 -0.99 -3.10 15.38
CA MET B 70 -0.33 -1.80 15.38
C MET B 70 0.51 -1.67 14.11
N PRO B 71 -0.15 -1.45 12.98
CA PRO B 71 0.54 -1.36 11.68
C PRO B 71 1.42 -0.12 11.62
N THR B 72 2.66 -0.29 11.18
CA THR B 72 3.65 0.79 11.16
C THR B 72 3.66 1.53 9.84
N THR B 73 3.99 2.81 9.89
CA THR B 73 4.36 3.56 8.69
C THR B 73 5.87 3.50 8.56
N GLU B 74 6.35 3.13 7.37
CA GLU B 74 7.78 2.84 7.17
C GLU B 74 8.36 3.54 5.96
N ARG B 75 9.68 3.76 6.01
CA ARG B 75 10.47 4.24 4.87
C ARG B 75 9.81 5.38 4.10
N VAL B 76 9.38 6.41 4.83
CA VAL B 76 8.70 7.56 4.25
C VAL B 76 9.69 8.53 3.61
N THR B 77 9.59 8.69 2.29
CA THR B 77 10.33 9.73 1.57
C THR B 77 9.40 10.68 0.83
N LEU B 78 8.14 10.75 1.29
CA LEU B 78 7.19 11.73 0.78
C LEU B 78 7.64 13.13 1.19
N THR B 79 7.72 14.03 0.20
CA THR B 79 8.12 15.42 0.45
C THR B 79 6.90 16.32 0.55
N ARG B 80 5.77 15.80 0.07
CA ARG B 80 4.51 16.53 0.07
C ARG B 80 3.42 15.69 0.71
N CYS B 81 2.26 16.31 0.94
CA CYS B 81 1.08 15.62 1.45
C CYS B 81 0.34 14.98 0.28
N PHE B 82 0.06 13.68 0.39
CA PHE B 82 -0.72 12.99 -0.64
C PHE B 82 -2.20 12.91 -0.28
N TYR B 83 -2.97 13.80 -0.90
CA TYR B 83 -4.43 13.81 -0.77
C TYR B 83 -5.02 13.11 -1.99
N LEU B 84 -5.97 12.20 -1.74
CA LEU B 84 -6.61 11.43 -2.81
C LEU B 84 -7.62 12.24 -3.63
N PHE B 85 -8.16 13.31 -3.04
CA PHE B 85 -9.25 14.10 -3.64
C PHE B 85 -10.32 13.25 -4.34
N PRO B 86 -10.99 12.35 -3.62
CA PRO B 86 -12.02 11.51 -4.23
C PRO B 86 -13.15 12.38 -4.79
N GLY B 87 -13.62 12.04 -5.99
CA GLY B 87 -14.55 12.88 -6.72
C GLY B 87 -13.87 13.69 -7.80
N HIS B 88 -12.54 13.80 -7.69
CA HIS B 88 -11.72 14.52 -8.67
C HIS B 88 -10.71 13.57 -9.31
#